data_3O1T
#
_entry.id   3O1T
#
_cell.length_a   41.120
_cell.length_b   75.880
_cell.length_c   51.160
_cell.angle_alpha   90.00
_cell.angle_beta   107.16
_cell.angle_gamma   90.00
#
_symmetry.space_group_name_H-M   'P 1 21 1'
#
loop_
_entity.id
_entity.type
_entity.pdbx_description
1 polymer 'Alpha-ketoglutarate-dependent dioxygenase AlkB'
2 polymer "DNA (5'-D(*AP*GP*GP*TP*AP*AP*(MDU)P*AP*CP*CP*GP*T)-3')"
3 polymer "DNA (5'-D(*AP*AP*CP*GP*GP*TP*AP*TP*TP*AP*CP*CP*T)-3')"
4 non-polymer 'FE (III) ION'
5 non-polymer 'SUCCINIC ACID'
6 water water
#
loop_
_entity_poly.entity_id
_entity_poly.type
_entity_poly.pdbx_seq_one_letter_code
_entity_poly.pdbx_strand_id
1 'polypeptide(L)'
;MQEPLAAGAVILRRFAFNAAEQLIRDINDVASQSPFRQMVTPGGYTMSVAMTNCGHLGWTTHRQGYLYSPIDPQTNKPWP
AMPQSFHNLCQRAATAAGYPDFQPDACLINRYAPGAKLCLHQDKDEPDLRAPIVSVSLGLPAIFQFGGLKRNDPLKRLLL
EHGDVVVWGGESRLFYHGIQPLKAGFHPLTIDCRYNLTFRQAGKKE
;
A
2 'polydeoxyribonucleotide' (DA)(DG)(DG)(DT)(DA)(DA)(MDU)(DA)(2YR)(DC)(DG)(DT) B
3 'polydeoxyribonucleotide' (DA)(DA)(DC)(DG)(DG)(DT)(DA)(DT)(DT)(DA)(DC)(DC)(DT) C
#
# COMPACT_ATOMS: atom_id res chain seq x y z
N GLU A 3 4.63 -12.40 -19.68
CA GLU A 3 5.01 -10.97 -19.84
C GLU A 3 5.07 -10.32 -18.46
N PRO A 4 6.22 -9.74 -18.09
CA PRO A 4 6.36 -9.08 -16.80
C PRO A 4 5.52 -7.81 -16.72
N LEU A 5 5.17 -7.39 -15.51
CA LEU A 5 4.30 -6.24 -15.31
C LEU A 5 4.80 -4.97 -15.99
N ALA A 6 6.06 -4.63 -15.75
CA ALA A 6 6.68 -3.46 -16.35
C ALA A 6 8.18 -3.54 -16.09
N ALA A 7 8.96 -2.65 -16.72
CA ALA A 7 10.37 -2.54 -16.40
C ALA A 7 10.52 -2.25 -14.90
N GLY A 8 11.22 -3.13 -14.20
CA GLY A 8 11.42 -2.97 -12.76
C GLY A 8 10.21 -3.36 -11.94
N ALA A 9 9.17 -3.88 -12.59
CA ALA A 9 7.95 -4.25 -11.88
C ALA A 9 7.57 -5.72 -12.09
N VAL A 10 7.07 -6.34 -11.02
CA VAL A 10 6.72 -7.76 -11.07
C VAL A 10 5.51 -8.03 -10.19
N ILE A 11 4.68 -8.96 -10.63
CA ILE A 11 3.65 -9.51 -9.75
C ILE A 11 4.07 -10.91 -9.33
N LEU A 12 4.11 -11.13 -8.01
CA LEU A 12 4.44 -12.42 -7.44
C LEU A 12 3.11 -12.97 -6.94
N ARG A 13 2.46 -13.78 -7.77
CA ARG A 13 1.11 -14.23 -7.43
C ARG A 13 1.10 -15.20 -6.27
N ARG A 14 0.24 -14.92 -5.31
CA ARG A 14 0.10 -15.69 -4.08
C ARG A 14 1.40 -15.76 -3.29
N PHE A 15 2.32 -14.84 -3.52
CA PHE A 15 3.59 -14.84 -2.79
C PHE A 15 3.38 -14.83 -1.28
N ALA A 16 2.38 -14.06 -0.83
CA ALA A 16 2.14 -13.84 0.60
C ALA A 16 1.00 -14.72 1.09
N PHE A 17 0.58 -15.68 0.26
CA PHE A 17 -0.53 -16.55 0.63
C PHE A 17 -0.26 -17.25 1.95
N ASN A 18 0.90 -17.86 2.08
CA ASN A 18 1.23 -18.60 3.29
C ASN A 18 1.38 -17.68 4.50
N ALA A 19 1.86 -16.46 4.29
CA ALA A 19 2.07 -15.49 5.37
C ALA A 19 0.81 -14.72 5.72
N ALA A 20 -0.24 -14.87 4.91
CA ALA A 20 -1.40 -13.97 5.00
C ALA A 20 -2.11 -13.95 6.34
N GLU A 21 -2.36 -15.10 6.95
CA GLU A 21 -3.07 -15.12 8.21
C GLU A 21 -2.32 -14.32 9.28
N GLN A 22 -1.00 -14.49 9.33
CA GLN A 22 -0.19 -13.71 10.28
C GLN A 22 -0.18 -12.21 9.94
N LEU A 23 -0.07 -11.89 8.65
CA LEU A 23 -0.14 -10.50 8.23
C LEU A 23 -1.42 -9.87 8.70
N ILE A 24 -2.53 -10.59 8.56
CA ILE A 24 -3.83 -10.05 8.97
C ILE A 24 -3.91 -9.86 10.49
N ARG A 25 -3.35 -10.79 11.25
CA ARG A 25 -3.30 -10.59 12.69
C ARG A 25 -2.53 -9.30 12.99
N ASP A 26 -1.45 -9.09 12.27
CA ASP A 26 -0.63 -7.91 12.53
C ASP A 26 -1.27 -6.60 12.07
N ILE A 27 -2.00 -6.64 10.96
CA ILE A 27 -2.83 -5.49 10.59
C ILE A 27 -3.75 -5.10 11.72
N ASN A 28 -4.41 -6.09 12.31
CA ASN A 28 -5.36 -5.80 13.37
C ASN A 28 -4.63 -5.18 14.56
N ASP A 29 -3.43 -5.67 14.84
CA ASP A 29 -2.64 -5.14 15.95
C ASP A 29 -2.24 -3.70 15.69
N VAL A 30 -1.77 -3.41 14.48
CA VAL A 30 -1.42 -2.04 14.13
C VAL A 30 -2.64 -1.12 14.28
N ALA A 31 -3.77 -1.55 13.72
CA ALA A 31 -4.97 -0.72 13.72
C ALA A 31 -5.57 -0.54 15.11
N SER A 32 -5.18 -1.40 16.05
CA SER A 32 -5.64 -1.25 17.43
C SER A 32 -4.96 -0.06 18.10
N GLN A 33 -3.87 0.42 17.50
CA GLN A 33 -3.08 1.52 18.04
C GLN A 33 -3.27 2.79 17.22
N SER A 34 -3.13 2.64 15.90
CA SER A 34 -3.46 3.71 14.99
C SER A 34 -4.63 3.23 14.13
N PRO A 35 -5.85 3.61 14.51
CA PRO A 35 -7.03 3.08 13.85
C PRO A 35 -7.10 3.44 12.38
N PHE A 36 -7.78 2.61 11.61
CA PHE A 36 -8.10 2.97 10.25
C PHE A 36 -8.94 4.23 10.30
N ARG A 37 -8.62 5.17 9.42
CA ARG A 37 -9.44 6.34 9.27
C ARG A 37 -9.49 6.67 7.79
N GLN A 38 -10.63 7.20 7.36
CA GLN A 38 -10.73 7.70 6.01
C GLN A 38 -10.26 9.13 6.04
N MET A 39 -9.10 9.35 5.43
CA MET A 39 -8.48 10.66 5.45
C MET A 39 -9.21 11.65 4.54
N VAL A 40 -9.08 12.91 4.87
CA VAL A 40 -9.70 13.99 4.11
C VAL A 40 -8.64 14.64 3.25
N THR A 41 -8.90 14.74 1.96
CA THR A 41 -7.93 15.36 1.08
C THR A 41 -7.76 16.86 1.38
N PRO A 42 -6.64 17.43 0.93
CA PRO A 42 -6.51 18.86 1.07
C PRO A 42 -7.73 19.59 0.54
N GLY A 43 -8.31 19.09 -0.56
CA GLY A 43 -9.46 19.73 -1.17
C GLY A 43 -10.78 19.53 -0.46
N GLY A 44 -10.78 18.66 0.56
CA GLY A 44 -11.92 18.54 1.47
C GLY A 44 -12.79 17.31 1.26
N TYR A 45 -12.34 16.34 0.48
CA TYR A 45 -13.12 15.13 0.24
C TYR A 45 -12.63 13.95 1.07
N THR A 46 -13.56 13.15 1.56
CA THR A 46 -13.17 12.01 2.37
C THR A 46 -12.88 10.82 1.47
N MET A 47 -11.66 10.30 1.57
CA MET A 47 -11.27 9.14 0.78
C MET A 47 -12.14 7.94 1.12
N SER A 48 -12.38 7.07 0.14
CA SER A 48 -13.24 5.91 0.35
C SER A 48 -12.46 4.77 1.00
N VAL A 49 -11.15 4.75 0.80
CA VAL A 49 -10.28 3.76 1.41
C VAL A 49 -9.97 4.24 2.82
N ALA A 50 -10.07 3.33 3.78
CA ALA A 50 -9.65 3.64 5.16
C ALA A 50 -8.17 3.27 5.29
N MET A 51 -7.42 4.08 6.03
CA MET A 51 -5.97 3.90 6.09
C MET A 51 -5.40 4.02 7.48
N THR A 52 -4.24 3.39 7.64
CA THR A 52 -3.39 3.62 8.80
C THR A 52 -1.96 3.29 8.36
N ASN A 53 -0.99 3.42 9.25
CA ASN A 53 0.41 3.17 8.93
C ASN A 53 1.11 2.49 10.08
N CYS A 54 2.22 1.84 9.74
CA CYS A 54 3.15 1.40 10.76
C CYS A 54 4.55 1.67 10.24
N GLY A 55 5.54 1.53 11.11
CA GLY A 55 6.90 1.91 10.74
C GLY A 55 7.21 3.31 11.20
N HIS A 56 8.38 3.80 10.82
CA HIS A 56 8.85 5.09 11.30
C HIS A 56 8.08 6.26 10.69
N LEU A 57 7.63 6.11 9.45
CA LEU A 57 6.90 7.16 8.76
C LEU A 57 5.56 6.66 8.21
N GLY A 58 4.54 7.49 8.32
CA GLY A 58 3.22 7.13 7.81
C GLY A 58 2.72 8.21 6.87
N TRP A 59 2.11 7.79 5.78
CA TRP A 59 1.52 8.72 4.84
C TRP A 59 0.22 9.26 5.40
N THR A 60 0.04 10.57 5.28
CA THR A 60 -1.17 11.23 5.78
CA THR A 60 -1.22 11.16 5.69
C THR A 60 -1.51 12.44 4.92
N THR A 61 -2.78 12.81 4.92
CA THR A 61 -3.13 14.06 4.29
C THR A 61 -3.13 15.13 5.37
N HIS A 62 -3.10 16.38 4.94
CA HIS A 62 -3.15 17.52 5.82
CA HIS A 62 -3.40 17.44 5.85
C HIS A 62 -3.87 18.64 5.05
N ARG A 63 -4.20 19.71 5.72
CA ARG A 63 -4.80 20.84 5.03
C ARG A 63 -3.93 21.26 3.86
N GLN A 64 -2.62 21.21 4.07
CA GLN A 64 -1.66 21.83 3.17
C GLN A 64 -1.14 20.89 2.10
N GLY A 65 -1.53 19.63 2.16
CA GLY A 65 -0.99 18.66 1.22
C GLY A 65 -0.91 17.26 1.80
N TYR A 66 0.08 16.49 1.34
CA TYR A 66 0.35 15.18 1.87
C TYR A 66 1.68 15.24 2.60
N LEU A 67 1.88 14.32 3.52
CA LEU A 67 3.12 14.28 4.30
CA LEU A 67 3.16 14.25 4.21
C LEU A 67 3.41 12.88 4.80
N TYR A 68 4.68 12.52 4.87
CA TYR A 68 5.06 11.32 5.60
C TYR A 68 5.44 11.88 6.96
N SER A 69 4.76 11.42 7.99
N SER A 69 4.77 11.39 7.98
CA SER A 69 5.00 11.94 9.33
CA SER A 69 4.98 11.92 9.32
C SER A 69 5.36 10.82 10.28
C SER A 69 5.36 10.80 10.28
N PRO A 70 6.27 11.10 11.21
CA PRO A 70 6.61 10.15 12.24
C PRO A 70 5.48 9.99 13.25
N ILE A 71 4.54 10.93 13.24
CA ILE A 71 3.48 10.95 14.24
C ILE A 71 2.11 10.82 13.57
N ASP A 72 1.25 9.99 14.15
CA ASP A 72 -0.12 9.84 13.69
C ASP A 72 -0.89 11.08 14.15
N PRO A 73 -1.39 11.88 13.21
CA PRO A 73 -2.06 13.13 13.59
C PRO A 73 -3.37 12.91 14.31
N GLN A 74 -3.90 11.70 14.22
CA GLN A 74 -5.13 11.39 14.91
C GLN A 74 -4.87 11.07 16.38
N THR A 75 -3.79 10.33 16.64
CA THR A 75 -3.48 9.92 17.99
C THR A 75 -2.42 10.84 18.61
N ASN A 76 -1.68 11.56 17.76
CA ASN A 76 -0.55 12.37 18.23
C ASN A 76 0.57 11.53 18.85
N LYS A 77 0.57 10.24 18.51
CA LYS A 77 1.63 9.32 18.92
C LYS A 77 2.32 8.78 17.70
N PRO A 78 3.54 8.25 17.86
CA PRO A 78 4.18 7.60 16.73
C PRO A 78 3.29 6.51 16.13
N TRP A 79 3.41 6.28 14.84
CA TRP A 79 2.76 5.11 14.26
C TRP A 79 3.33 3.85 14.92
N PRO A 80 2.52 2.78 14.97
CA PRO A 80 3.04 1.54 15.54
C PRO A 80 4.28 1.07 14.80
N ALA A 81 5.18 0.41 15.52
CA ALA A 81 6.34 -0.20 14.89
C ALA A 81 5.94 -1.13 13.74
N MET A 82 6.79 -1.22 12.73
CA MET A 82 6.53 -2.17 11.66
C MET A 82 6.63 -3.61 12.17
N PRO A 83 5.54 -4.38 12.05
CA PRO A 83 5.61 -5.77 12.52
C PRO A 83 6.72 -6.55 11.81
N GLN A 84 7.39 -7.41 12.54
CA GLN A 84 8.39 -8.29 11.93
C GLN A 84 7.83 -9.13 10.74
N SER A 85 6.58 -9.57 10.84
CA SER A 85 6.00 -10.37 9.75
C SER A 85 5.96 -9.54 8.48
N PHE A 86 5.59 -8.26 8.63
CA PHE A 86 5.49 -7.32 7.52
C PHE A 86 6.89 -7.14 6.96
N HIS A 87 7.82 -6.85 7.85
CA HIS A 87 9.18 -6.57 7.40
C HIS A 87 9.78 -7.78 6.70
N ASN A 88 9.55 -8.97 7.25
CA ASN A 88 10.13 -10.18 6.67
C ASN A 88 9.50 -10.50 5.32
N LEU A 89 8.18 -10.40 5.24
CA LEU A 89 7.51 -10.69 3.98
C LEU A 89 7.98 -9.68 2.92
N CYS A 90 8.03 -8.41 3.31
CA CYS A 90 8.48 -7.36 2.40
C CYS A 90 9.89 -7.69 1.88
N GLN A 91 10.77 -8.04 2.80
CA GLN A 91 12.13 -8.38 2.46
C GLN A 91 12.20 -9.55 1.45
N ARG A 92 11.46 -10.62 1.74
CA ARG A 92 11.46 -11.76 0.85
C ARG A 92 10.89 -11.40 -0.52
N ALA A 93 9.79 -10.65 -0.53
CA ALA A 93 9.15 -10.28 -1.79
C ALA A 93 10.07 -9.37 -2.59
N ALA A 94 10.67 -8.40 -1.92
CA ALA A 94 11.57 -7.46 -2.58
C ALA A 94 12.73 -8.22 -3.19
N THR A 95 13.25 -9.19 -2.44
CA THR A 95 14.36 -10.00 -2.91
C THR A 95 13.96 -10.82 -4.14
N ALA A 96 12.78 -11.42 -4.09
CA ALA A 96 12.31 -12.24 -5.19
C ALA A 96 12.06 -11.39 -6.41
N ALA A 97 11.72 -10.12 -6.18
CA ALA A 97 11.41 -9.21 -7.26
C ALA A 97 12.66 -8.51 -7.78
N GLY A 98 13.82 -8.81 -7.21
CA GLY A 98 15.06 -8.24 -7.69
C GLY A 98 15.52 -6.99 -6.99
N TYR A 99 14.99 -6.76 -5.79
CA TYR A 99 15.38 -5.61 -4.99
C TYR A 99 15.86 -6.06 -3.62
N PRO A 100 17.00 -6.76 -3.59
CA PRO A 100 17.46 -7.39 -2.37
C PRO A 100 17.86 -6.40 -1.27
N ASP A 101 18.14 -5.14 -1.63
CA ASP A 101 18.66 -4.19 -0.62
C ASP A 101 17.62 -3.24 -0.03
N PHE A 102 16.37 -3.41 -0.45
CA PHE A 102 15.29 -2.54 0.02
C PHE A 102 15.13 -2.58 1.54
N GLN A 103 15.12 -1.39 2.14
CA GLN A 103 14.95 -1.22 3.58
C GLN A 103 13.80 -0.24 3.80
N PRO A 104 12.58 -0.76 3.93
CA PRO A 104 11.44 0.14 4.11
C PRO A 104 11.44 0.76 5.51
N ASP A 105 10.90 1.98 5.62
CA ASP A 105 10.77 2.62 6.91
C ASP A 105 9.34 3.10 7.08
N ALA A 106 8.45 2.58 6.25
CA ALA A 106 7.07 3.05 6.22
C ALA A 106 6.19 1.96 5.64
N CYS A 107 5.06 1.70 6.27
CA CYS A 107 4.08 0.80 5.68
C CYS A 107 2.70 1.40 5.79
N LEU A 108 2.09 1.67 4.65
CA LEU A 108 0.73 2.22 4.62
C LEU A 108 -0.25 1.06 4.45
N ILE A 109 -1.24 0.99 5.32
CA ILE A 109 -2.21 -0.08 5.31
C ILE A 109 -3.54 0.48 4.84
N ASN A 110 -4.00 -0.03 3.70
CA ASN A 110 -5.29 0.37 3.10
C ASN A 110 -6.36 -0.67 3.33
N ARG A 111 -7.57 -0.23 3.63
CA ARG A 111 -8.67 -1.13 3.77
C ARG A 111 -9.75 -0.71 2.80
N TYR A 112 -10.17 -1.66 1.96
CA TYR A 112 -11.22 -1.43 0.97
C TYR A 112 -12.52 -2.14 1.34
N ALA A 113 -13.56 -1.35 1.52
CA ALA A 113 -14.92 -1.85 1.64
C ALA A 113 -15.52 -1.88 0.23
N PRO A 114 -16.66 -2.56 0.06
CA PRO A 114 -17.28 -2.55 -1.26
C PRO A 114 -17.43 -1.13 -1.77
N GLY A 115 -17.04 -0.90 -3.01
CA GLY A 115 -17.17 0.42 -3.61
C GLY A 115 -15.94 1.28 -3.44
N ALA A 116 -15.08 0.95 -2.47
CA ALA A 116 -13.91 1.77 -2.21
C ALA A 116 -12.95 1.65 -3.36
N LYS A 117 -12.28 2.77 -3.67
CA LYS A 117 -11.42 2.87 -4.82
C LYS A 117 -10.24 3.75 -4.48
N LEU A 118 -9.24 3.73 -5.35
CA LEU A 118 -8.15 4.65 -5.24
C LEU A 118 -7.86 5.13 -6.64
N CYS A 119 -8.24 6.37 -6.92
CA CYS A 119 -8.02 6.94 -8.23
C CYS A 119 -6.52 6.99 -8.55
N LEU A 120 -6.19 6.94 -9.84
CA LEU A 120 -4.81 6.87 -10.29
C LEU A 120 -3.97 7.93 -9.60
N HIS A 121 -2.80 7.52 -9.14
CA HIS A 121 -1.89 8.42 -8.48
C HIS A 121 -0.49 7.84 -8.61
N GLN A 122 0.49 8.68 -8.30
CA GLN A 122 1.88 8.28 -8.33
C GLN A 122 2.42 8.23 -6.92
N ASP A 123 3.40 7.35 -6.71
N ASP A 123 3.40 7.34 -6.70
CA ASP A 123 4.20 7.38 -5.51
CA ASP A 123 4.20 7.38 -5.48
C ASP A 123 5.47 8.15 -5.81
C ASP A 123 5.46 8.15 -5.80
N LYS A 124 5.56 9.38 -5.31
CA LYS A 124 6.74 10.18 -5.58
C LYS A 124 7.07 11.18 -4.48
N ASP A 125 6.47 10.98 -3.30
CA ASP A 125 6.66 11.88 -2.16
C ASP A 125 7.89 11.52 -1.33
N GLU A 126 8.56 10.42 -1.66
CA GLU A 126 9.76 10.02 -0.93
C GLU A 126 11.02 10.72 -1.45
N PRO A 127 11.83 11.26 -0.52
CA PRO A 127 13.09 11.92 -0.84
C PRO A 127 14.05 11.04 -1.64
N ASP A 128 14.08 9.74 -1.32
CA ASP A 128 14.92 8.80 -2.06
C ASP A 128 14.05 7.90 -2.93
N LEU A 129 14.01 8.18 -4.22
CA LEU A 129 13.17 7.44 -5.15
C LEU A 129 13.88 6.21 -5.74
N ARG A 130 15.05 5.87 -5.17
CA ARG A 130 15.77 4.69 -5.62
C ARG A 130 15.11 3.40 -5.13
N ALA A 131 14.43 3.48 -3.98
CA ALA A 131 13.82 2.30 -3.39
C ALA A 131 12.48 1.96 -4.04
N PRO A 132 12.21 0.66 -4.22
CA PRO A 132 10.95 0.18 -4.79
C PRO A 132 9.77 0.40 -3.86
N ILE A 133 8.58 0.09 -4.37
CA ILE A 133 7.38 -0.04 -3.57
C ILE A 133 7.02 -1.52 -3.58
N VAL A 134 6.68 -2.06 -2.41
CA VAL A 134 6.23 -3.45 -2.33
C VAL A 134 4.80 -3.38 -1.83
N SER A 135 3.89 -4.00 -2.58
CA SER A 135 2.45 -3.87 -2.34
C SER A 135 1.81 -5.25 -2.19
N VAL A 136 1.26 -5.54 -1.03
CA VAL A 136 0.72 -6.85 -0.71
C VAL A 136 -0.82 -6.83 -0.65
N SER A 137 -1.47 -7.74 -1.38
CA SER A 137 -2.93 -7.80 -1.42
C SER A 137 -3.40 -8.89 -0.49
N LEU A 138 -4.46 -8.61 0.24
CA LEU A 138 -5.06 -9.59 1.14
C LEU A 138 -6.57 -9.49 1.05
N GLY A 139 -7.23 -10.63 1.09
CA GLY A 139 -8.69 -10.63 1.14
C GLY A 139 -9.35 -10.65 -0.23
N LEU A 140 -10.43 -9.88 -0.37
CA LEU A 140 -11.21 -9.84 -1.58
C LEU A 140 -10.39 -9.36 -2.76
N PRO A 141 -10.70 -9.87 -3.96
CA PRO A 141 -9.95 -9.45 -5.13
C PRO A 141 -10.28 -8.04 -5.57
N ALA A 142 -9.33 -7.39 -6.22
CA ALA A 142 -9.54 -6.02 -6.66
C ALA A 142 -8.86 -5.88 -8.00
N ILE A 143 -9.34 -4.95 -8.82
CA ILE A 143 -8.69 -4.67 -10.07
C ILE A 143 -7.73 -3.52 -9.92
N PHE A 144 -6.45 -3.85 -10.08
CA PHE A 144 -5.37 -2.91 -9.94
C PHE A 144 -5.08 -2.33 -11.32
N GLN A 145 -4.97 -1.02 -11.38
CA GLN A 145 -4.57 -0.33 -12.58
C GLN A 145 -3.10 0.01 -12.46
N PHE A 146 -2.35 -0.30 -13.49
CA PHE A 146 -0.95 0.07 -13.50
C PHE A 146 -0.65 0.69 -14.84
N GLY A 147 -0.23 1.94 -14.82
CA GLY A 147 -0.07 2.72 -16.04
C GLY A 147 1.36 3.05 -16.33
N GLY A 148 1.61 4.32 -16.64
CA GLY A 148 2.95 4.78 -16.98
C GLY A 148 3.26 6.08 -16.26
N LEU A 149 4.25 6.79 -16.76
CA LEU A 149 4.70 8.05 -16.14
C LEU A 149 3.65 9.14 -16.23
N LYS A 150 2.84 9.10 -17.28
CA LYS A 150 1.80 10.09 -17.46
C LYS A 150 0.42 9.50 -17.18
N ARG A 151 -0.46 10.32 -16.63
CA ARG A 151 -1.75 9.84 -16.17
C ARG A 151 -2.55 9.18 -17.29
N ASN A 152 -2.38 9.65 -18.52
CA ASN A 152 -3.15 9.12 -19.64
C ASN A 152 -2.49 7.93 -20.33
N ASP A 153 -1.38 7.45 -19.78
CA ASP A 153 -0.71 6.29 -20.38
C ASP A 153 -1.64 5.10 -20.25
N PRO A 154 -1.70 4.26 -21.29
CA PRO A 154 -2.64 3.14 -21.23
C PRO A 154 -2.45 2.30 -19.97
N LEU A 155 -3.56 1.85 -19.41
CA LEU A 155 -3.53 1.07 -18.18
C LEU A 155 -3.52 -0.41 -18.44
N LYS A 156 -2.75 -1.13 -17.62
CA LYS A 156 -2.92 -2.55 -17.48
C LYS A 156 -3.88 -2.74 -16.33
N ARG A 157 -4.79 -3.70 -16.47
CA ARG A 157 -5.70 -4.02 -15.40
C ARG A 157 -5.44 -5.44 -14.94
N LEU A 158 -5.08 -5.59 -13.68
CA LEU A 158 -4.73 -6.90 -13.16
C LEU A 158 -5.61 -7.18 -11.97
N LEU A 159 -6.28 -8.31 -12.00
CA LEU A 159 -6.95 -8.77 -10.79
C LEU A 159 -5.87 -9.12 -9.80
N LEU A 160 -5.96 -8.54 -8.61
CA LEU A 160 -5.05 -8.89 -7.52
C LEU A 160 -5.86 -9.71 -6.56
N GLU A 161 -5.38 -10.91 -6.31
CA GLU A 161 -6.07 -11.81 -5.41
C GLU A 161 -5.28 -11.95 -4.12
N HIS A 162 -5.94 -12.57 -3.15
CA HIS A 162 -5.39 -12.75 -1.84
C HIS A 162 -3.98 -13.35 -1.87
N GLY A 163 -3.04 -12.64 -1.26
CA GLY A 163 -1.66 -13.12 -1.22
C GLY A 163 -0.77 -12.62 -2.33
N ASP A 164 -1.35 -12.02 -3.37
CA ASP A 164 -0.55 -11.45 -4.45
C ASP A 164 0.30 -10.30 -3.94
N VAL A 165 1.52 -10.20 -4.45
CA VAL A 165 2.41 -9.09 -4.11
C VAL A 165 2.86 -8.47 -5.40
N VAL A 166 2.80 -7.16 -5.45
CA VAL A 166 3.27 -6.42 -6.61
C VAL A 166 4.43 -5.53 -6.19
N VAL A 167 5.49 -5.51 -6.97
CA VAL A 167 6.63 -4.70 -6.65
C VAL A 167 6.92 -3.83 -7.85
N TRP A 168 7.09 -2.53 -7.63
CA TRP A 168 7.57 -1.66 -8.70
C TRP A 168 8.72 -0.78 -8.23
N GLY A 169 9.61 -0.45 -9.16
CA GLY A 169 10.78 0.31 -8.83
C GLY A 169 11.55 0.60 -10.08
N GLY A 170 12.71 1.23 -9.93
CA GLY A 170 13.52 1.55 -11.09
C GLY A 170 12.67 2.32 -12.07
N GLU A 171 12.65 1.85 -13.32
CA GLU A 171 11.97 2.55 -14.40
C GLU A 171 10.50 2.81 -14.16
N SER A 172 9.85 1.93 -13.41
CA SER A 172 8.41 2.04 -13.18
C SER A 172 8.07 2.63 -11.82
N ARG A 173 9.09 3.09 -11.10
CA ARG A 173 8.89 3.58 -9.74
C ARG A 173 7.82 4.67 -9.63
N LEU A 174 7.74 5.56 -10.61
CA LEU A 174 6.83 6.70 -10.55
C LEU A 174 5.54 6.52 -11.36
N PHE A 175 5.32 5.32 -11.88
CA PHE A 175 4.13 5.04 -12.69
C PHE A 175 2.83 5.26 -11.92
N TYR A 176 1.79 5.69 -12.63
CA TYR A 176 0.48 5.85 -12.03
C TYR A 176 -0.13 4.49 -11.79
N HIS A 177 -0.92 4.39 -10.72
CA HIS A 177 -1.60 3.16 -10.35
C HIS A 177 -2.82 3.48 -9.50
N GLY A 178 -3.75 2.54 -9.43
CA GLY A 178 -4.94 2.74 -8.65
C GLY A 178 -5.69 1.45 -8.48
N ILE A 179 -6.83 1.55 -7.81
CA ILE A 179 -7.68 0.40 -7.56
C ILE A 179 -9.10 0.77 -7.96
N GLN A 180 -9.75 -0.09 -8.73
CA GLN A 180 -11.13 0.16 -9.16
C GLN A 180 -12.08 -0.20 -8.05
N PRO A 181 -13.26 0.42 -8.01
CA PRO A 181 -14.19 0.18 -6.92
C PRO A 181 -14.34 -1.30 -6.60
N LEU A 182 -14.15 -1.61 -5.33
CA LEU A 182 -14.14 -2.97 -4.85
C LEU A 182 -15.50 -3.63 -4.98
N LYS A 183 -15.51 -4.82 -5.60
CA LYS A 183 -16.72 -5.60 -5.72
CA LYS A 183 -16.74 -5.59 -5.71
C LYS A 183 -17.02 -6.28 -4.39
N ALA A 184 -18.30 -6.29 -4.00
CA ALA A 184 -18.67 -6.96 -2.76
C ALA A 184 -18.39 -8.44 -2.93
N GLY A 185 -18.07 -9.11 -1.82
CA GLY A 185 -17.86 -10.54 -1.89
C GLY A 185 -17.50 -11.10 -0.54
N PHE A 186 -17.09 -12.36 -0.53
CA PHE A 186 -16.71 -13.02 0.71
C PHE A 186 -15.29 -13.56 0.59
N HIS A 187 -14.52 -13.40 1.65
CA HIS A 187 -13.23 -14.05 1.76
C HIS A 187 -13.10 -14.59 3.18
N PRO A 188 -12.63 -15.84 3.31
CA PRO A 188 -12.64 -16.48 4.62
C PRO A 188 -11.75 -15.78 5.66
N LEU A 189 -10.71 -15.09 5.21
CA LEU A 189 -9.77 -14.46 6.14
C LEU A 189 -10.13 -13.02 6.47
N THR A 190 -10.66 -12.27 5.51
CA THR A 190 -10.99 -10.87 5.75
C THR A 190 -12.49 -10.62 5.81
N ILE A 191 -13.27 -11.65 5.52
CA ILE A 191 -14.74 -11.59 5.50
C ILE A 191 -15.33 -10.78 4.35
N ASP A 192 -15.17 -9.46 4.39
CA ASP A 192 -15.89 -8.61 3.46
C ASP A 192 -15.06 -7.44 2.96
N CYS A 193 -13.75 -7.51 3.15
CA CYS A 193 -12.93 -6.41 2.69
C CYS A 193 -11.65 -6.89 2.02
N ARG A 194 -10.95 -5.93 1.43
CA ARG A 194 -9.61 -6.14 0.96
C ARG A 194 -8.65 -5.25 1.76
N TYR A 195 -7.48 -5.79 2.10
CA TYR A 195 -6.41 -4.94 2.63
C TYR A 195 -5.26 -4.89 1.66
N ASN A 196 -4.54 -3.78 1.68
CA ASN A 196 -3.28 -3.67 0.96
C ASN A 196 -2.23 -3.12 1.91
N LEU A 197 -1.00 -3.64 1.77
CA LEU A 197 0.15 -3.09 2.48
C LEU A 197 1.10 -2.52 1.45
N THR A 198 1.42 -1.24 1.58
CA THR A 198 2.41 -0.60 0.73
CA THR A 198 2.44 -0.66 0.73
C THR A 198 3.65 -0.21 1.53
N PHE A 199 4.77 -0.87 1.25
CA PHE A 199 6.04 -0.62 1.92
C PHE A 199 6.84 0.37 1.13
N ARG A 200 7.42 1.34 1.84
CA ARG A 200 8.24 2.36 1.20
C ARG A 200 9.46 2.69 2.05
N GLN A 201 10.47 3.26 1.41
CA GLN A 201 11.50 3.95 2.16
C GLN A 201 11.16 5.43 2.00
N ALA A 202 10.62 6.01 3.06
CA ALA A 202 10.12 7.38 2.99
C ALA A 202 11.06 8.41 3.59
N GLY A 203 12.07 7.95 4.32
CA GLY A 203 13.05 8.85 4.94
C GLY A 203 14.43 8.61 4.36
N LYS A 204 15.45 9.12 5.04
CA LYS A 204 16.82 8.88 4.60
C LYS A 204 17.33 7.57 5.20
#